data_6A1A
#
_entry.id   6A1A
#
_cell.length_a   137.836
_cell.length_b   137.836
_cell.length_c   111.469
_cell.angle_alpha   90.00
_cell.angle_beta   90.00
_cell.angle_gamma   90.00
#
_symmetry.space_group_name_H-M   'I 4 2 2'
#
loop_
_entity.id
_entity.type
_entity.pdbx_description
1 polymer '4-hydroxymandelate oxidase'
2 non-polymer 'FLAVIN MONONUCLEOTIDE'
3 non-polymer '(2S)-hydroxy(4-hydroxyphenyl)ethanoic acid'
4 water water
#
_entity_poly.entity_id   1
_entity_poly.type   'polypeptide(L)'
_entity_poly.pdbx_seq_one_letter_code
;MGSSHHHHHHSSGLVPRGSHMTYVSLADLERAARDVLPGEIFDFLAGGSGTEASLVANRTALERVFVIPRMLRDLTDVTT
EIDIFGRRAALPMAVAPVAYQRLFHPEGELAVARAARDAGVPYTICTLSSVSLEEIAAVGGRPWFQLFWLRDEKRSLDLV
RRAEDAGCEAIVFTVDVPWMGRRLRDMRNGFALPEWVTAANFDAGTAAHRRTQGVSAVADHTAREFAPATWESVEAVRAH
TDLPVVLKGILAVEDARRAVDAGAGGIVVSNHGGRQLDGAVPGIEMLGEIVAAVSGGCEVLVDGGIRSGGDVLKATALGA
SAVLVGRPVMWALAAAGQDGVRQLLELLAEEVRDAMGLAGCESVGAARRLNTKLGVV
;
_entity_poly.pdbx_strand_id   A
#
loop_
_chem_comp.id
_chem_comp.type
_chem_comp.name
_chem_comp.formula
FMN non-polymer 'FLAVIN MONONUCLEOTIDE' 'C17 H21 N4 O9 P'
HHH non-polymer '(2S)-hydroxy(4-hydroxyphenyl)ethanoic acid' 'C8 H8 O4'
#
# COMPACT_ATOMS: atom_id res chain seq x y z
N THR A 22 -3.41 19.01 -16.54
CA THR A 22 -4.44 18.59 -15.54
C THR A 22 -4.83 17.12 -15.73
N TYR A 23 -4.67 16.33 -14.67
CA TYR A 23 -5.02 14.91 -14.70
C TYR A 23 -6.42 14.75 -14.14
N VAL A 24 -7.29 14.05 -14.87
CA VAL A 24 -8.66 13.80 -14.41
C VAL A 24 -8.92 12.35 -13.99
N SER A 25 -7.94 11.46 -14.26
CA SER A 25 -7.98 10.09 -13.75
C SER A 25 -6.54 9.60 -13.53
N LEU A 26 -6.38 8.54 -12.76
CA LEU A 26 -5.05 7.94 -12.55
C LEU A 26 -4.45 7.38 -13.84
N ALA A 27 -5.30 6.99 -14.79
CA ALA A 27 -4.82 6.49 -16.08
C ALA A 27 -4.08 7.55 -16.88
N ASP A 28 -4.44 8.83 -16.71
CA ASP A 28 -3.66 9.93 -17.30
C ASP A 28 -2.20 9.88 -16.81
N LEU A 29 -2.01 9.56 -15.54
CA LEU A 29 -0.66 9.47 -14.98
C LEU A 29 0.16 8.27 -15.51
N GLU A 30 -0.47 7.10 -15.72
CA GLU A 30 0.28 5.96 -16.29
CA GLU A 30 0.29 5.96 -16.28
C GLU A 30 0.79 6.29 -17.67
N ARG A 31 -0.07 6.92 -18.48
CA ARG A 31 0.30 7.31 -19.85
C ARG A 31 1.51 8.26 -19.79
N ALA A 32 1.44 9.25 -18.92
CA ALA A 32 2.56 10.20 -18.73
C ALA A 32 3.85 9.50 -18.29
N ALA A 33 3.74 8.54 -17.38
CA ALA A 33 4.92 7.80 -16.89
C ALA A 33 5.56 6.91 -17.95
N ARG A 34 4.73 6.26 -18.78
CA ARG A 34 5.26 5.42 -19.86
CA ARG A 34 5.25 5.42 -19.86
C ARG A 34 6.01 6.27 -20.88
N ASP A 35 5.50 7.47 -21.15
CA ASP A 35 6.18 8.40 -22.08
C ASP A 35 7.61 8.74 -21.61
N VAL A 36 7.77 9.01 -20.31
CA VAL A 36 9.05 9.53 -19.80
C VAL A 36 10.05 8.46 -19.36
N LEU A 37 9.58 7.37 -18.78
CA LEU A 37 10.50 6.38 -18.20
C LEU A 37 11.16 5.51 -19.25
N PRO A 38 12.44 5.14 -19.03
CA PRO A 38 13.07 4.09 -19.82
C PRO A 38 12.27 2.80 -19.74
N GLY A 39 12.19 2.08 -20.85
CA GLY A 39 11.39 0.85 -20.95
C GLY A 39 11.62 -0.14 -19.82
N GLU A 40 12.87 -0.41 -19.48
CA GLU A 40 13.18 -1.43 -18.47
C GLU A 40 12.77 -0.99 -17.07
N ILE A 41 12.82 0.33 -16.81
CA ILE A 41 12.34 0.87 -15.53
C ILE A 41 10.82 0.86 -15.47
N PHE A 42 10.15 1.23 -16.57
CA PHE A 42 8.69 1.09 -16.62
C PHE A 42 8.28 -0.36 -16.39
N ASP A 43 9.04 -1.32 -16.95
CA ASP A 43 8.73 -2.73 -16.76
C ASP A 43 8.97 -3.20 -15.35
N PHE A 44 10.03 -2.72 -14.70
CA PHE A 44 10.29 -3.01 -13.29
C PHE A 44 9.10 -2.58 -12.45
N LEU A 45 8.57 -1.41 -12.76
CA LEU A 45 7.43 -0.84 -12.05
C LEU A 45 6.11 -1.58 -12.33
N ALA A 46 5.82 -1.78 -13.61
CA ALA A 46 4.52 -2.32 -14.05
C ALA A 46 4.37 -3.81 -13.83
N GLY A 47 5.49 -4.53 -13.93
CA GLY A 47 5.43 -5.97 -14.05
C GLY A 47 5.02 -6.73 -12.80
N GLY A 48 4.72 -7.99 -13.04
CA GLY A 48 4.43 -8.95 -11.98
C GLY A 48 5.26 -10.19 -12.20
N SER A 49 5.01 -11.22 -11.41
CA SER A 49 5.71 -12.47 -11.54
C SER A 49 5.03 -13.38 -12.55
N GLY A 50 5.82 -14.31 -13.08
CA GLY A 50 5.29 -15.35 -13.95
C GLY A 50 4.50 -14.82 -15.13
N THR A 51 3.28 -15.34 -15.30
CA THR A 51 2.40 -14.95 -16.39
C THR A 51 1.62 -13.67 -16.11
N GLU A 52 1.86 -13.05 -14.94
CA GLU A 52 1.16 -11.86 -14.49
C GLU A 52 -0.34 -12.09 -14.29
N ALA A 53 -0.70 -13.34 -13.97
CA ALA A 53 -2.10 -13.68 -13.68
C ALA A 53 -2.64 -12.93 -12.47
N SER A 54 -1.83 -12.85 -11.41
CA SER A 54 -2.25 -12.17 -10.19
C SER A 54 -2.29 -10.66 -10.36
N LEU A 55 -1.37 -10.12 -11.17
CA LEU A 55 -1.36 -8.70 -11.50
C LEU A 55 -2.69 -8.31 -12.17
N VAL A 56 -3.07 -9.05 -13.21
CA VAL A 56 -4.32 -8.78 -13.91
C VAL A 56 -5.54 -9.03 -13.01
N ALA A 57 -5.49 -10.10 -12.22
CA ALA A 57 -6.61 -10.43 -11.33
C ALA A 57 -6.89 -9.34 -10.30
N ASN A 58 -5.87 -8.61 -9.85
CA ASN A 58 -6.11 -7.51 -8.93
C ASN A 58 -7.07 -6.49 -9.54
N ARG A 59 -6.91 -6.21 -10.82
CA ARG A 59 -7.82 -5.30 -11.50
C ARG A 59 -9.19 -5.94 -11.73
N THR A 60 -9.20 -7.17 -12.23
N THR A 60 -9.21 -7.16 -12.23
CA THR A 60 -10.46 -7.87 -12.47
CA THR A 60 -10.50 -7.79 -12.53
C THR A 60 -11.31 -7.92 -11.23
C THR A 60 -11.32 -8.02 -11.26
N ALA A 61 -10.67 -8.26 -10.11
CA ALA A 61 -11.37 -8.41 -8.84
C ALA A 61 -12.08 -7.13 -8.41
N LEU A 62 -11.45 -5.97 -8.62
CA LEU A 62 -12.11 -4.69 -8.29
C LEU A 62 -13.22 -4.38 -9.27
N GLU A 63 -12.99 -4.68 -10.54
CA GLU A 63 -13.98 -4.34 -11.57
C GLU A 63 -15.27 -5.15 -11.45
N ARG A 64 -15.21 -6.32 -10.82
CA ARG A 64 -16.40 -7.14 -10.60
C ARG A 64 -17.25 -6.67 -9.42
N VAL A 65 -16.70 -5.84 -8.53
CA VAL A 65 -17.42 -5.39 -7.35
C VAL A 65 -18.22 -4.16 -7.73
N PHE A 66 -19.50 -4.17 -7.37
CA PHE A 66 -20.35 -2.99 -7.51
C PHE A 66 -20.84 -2.59 -6.14
N VAL A 67 -20.95 -1.27 -5.92
CA VAL A 67 -21.43 -0.73 -4.65
C VAL A 67 -22.93 -0.51 -4.71
N ILE A 68 -23.62 -0.75 -3.60
CA ILE A 68 -25.03 -0.42 -3.47
C ILE A 68 -25.09 0.89 -2.67
N PRO A 69 -25.19 2.04 -3.36
CA PRO A 69 -25.15 3.31 -2.64
C PRO A 69 -26.42 3.59 -1.85
N ARG A 70 -26.30 4.39 -0.81
CA ARG A 70 -27.43 4.87 -0.05
C ARG A 70 -27.72 6.31 -0.45
N MET A 71 -28.98 6.69 -0.34
CA MET A 71 -29.43 8.02 -0.73
C MET A 71 -30.00 8.77 0.44
N LEU A 72 -30.06 10.09 0.30
CA LEU A 72 -30.85 10.96 1.17
C LEU A 72 -30.33 11.06 2.61
N ARG A 73 -29.02 10.84 2.76
CA ARG A 73 -28.32 10.95 4.04
CA ARG A 73 -28.39 10.97 4.06
C ARG A 73 -27.75 12.34 4.17
N ASP A 74 -27.53 12.77 5.41
CA ASP A 74 -26.91 14.06 5.69
C ASP A 74 -25.46 14.08 5.18
N LEU A 75 -25.17 14.99 4.26
CA LEU A 75 -23.82 15.18 3.74
C LEU A 75 -23.31 16.59 4.00
N THR A 76 -23.73 17.22 5.09
N THR A 76 -23.76 17.20 5.09
CA THR A 76 -23.31 18.60 5.35
CA THR A 76 -23.33 18.56 5.44
C THR A 76 -21.86 18.72 5.82
C THR A 76 -21.83 18.63 5.64
N ASP A 77 -21.29 17.65 6.37
CA ASP A 77 -19.86 17.63 6.76
C ASP A 77 -19.21 16.30 6.35
N VAL A 78 -19.11 16.04 5.05
CA VAL A 78 -18.46 14.81 4.58
C VAL A 78 -16.99 14.91 4.96
N THR A 79 -16.49 13.87 5.61
CA THR A 79 -15.08 13.77 5.94
C THR A 79 -14.51 12.44 5.46
N THR A 80 -13.36 12.51 4.80
CA THR A 80 -12.63 11.32 4.37
C THR A 80 -11.55 10.90 5.36
N GLU A 81 -11.52 11.52 6.54
CA GLU A 81 -10.47 11.24 7.50
C GLU A 81 -10.65 9.92 8.23
N ILE A 82 -9.53 9.34 8.65
CA ILE A 82 -9.55 8.19 9.53
C ILE A 82 -8.53 8.39 10.64
N ASP A 83 -8.70 7.65 11.72
CA ASP A 83 -7.66 7.52 12.72
C ASP A 83 -7.07 6.14 12.57
N ILE A 84 -5.75 6.07 12.42
CA ILE A 84 -5.07 4.80 12.29
C ILE A 84 -3.68 4.86 12.91
N PHE A 85 -3.37 3.83 13.71
CA PHE A 85 -2.09 3.74 14.44
C PHE A 85 -1.79 5.04 15.22
N GLY A 86 -2.83 5.59 15.83
CA GLY A 86 -2.71 6.80 16.64
C GLY A 86 -2.56 8.14 15.93
N ARG A 87 -2.70 8.19 14.60
CA ARG A 87 -2.65 9.45 13.86
C ARG A 87 -3.91 9.62 13.03
N ARG A 88 -4.35 10.86 12.89
CA ARG A 88 -5.38 11.21 11.93
C ARG A 88 -4.73 11.19 10.55
N ALA A 89 -5.37 10.53 9.58
CA ALA A 89 -4.96 10.58 8.18
C ALA A 89 -6.08 11.26 7.39
N ALA A 90 -5.71 12.01 6.35
CA ALA A 90 -6.67 12.79 5.59
C ALA A 90 -7.59 11.95 4.71
N LEU A 91 -7.15 10.74 4.38
CA LEU A 91 -7.85 9.79 3.52
C LEU A 91 -7.65 8.40 4.10
N PRO A 92 -8.50 7.43 3.75
CA PRO A 92 -8.26 6.03 4.14
C PRO A 92 -7.27 5.39 3.19
N MET A 93 -6.06 5.94 3.17
CA MET A 93 -5.06 5.59 2.17
CA MET A 93 -5.06 5.55 2.19
C MET A 93 -3.68 5.94 2.70
N ALA A 94 -2.69 5.10 2.35
CA ALA A 94 -1.28 5.40 2.56
C ALA A 94 -0.53 5.05 1.29
N VAL A 95 0.65 5.65 1.12
CA VAL A 95 1.54 5.30 0.03
C VAL A 95 2.19 3.96 0.36
N ALA A 96 2.02 2.99 -0.54
CA ALA A 96 2.61 1.67 -0.34
C ALA A 96 4.13 1.74 -0.35
N PRO A 97 4.80 0.80 0.32
CA PRO A 97 6.26 0.68 0.15
C PRO A 97 6.62 0.30 -1.28
N VAL A 98 7.44 1.12 -1.93
CA VAL A 98 7.97 0.82 -3.24
C VAL A 98 9.47 1.05 -3.18
N ALA A 99 10.25 0.00 -3.38
CA ALA A 99 11.72 0.12 -3.33
C ALA A 99 12.26 1.07 -4.39
N TYR A 100 13.38 1.73 -4.04
CA TYR A 100 14.28 2.37 -5.02
C TYR A 100 13.60 3.47 -5.85
N GLN A 101 13.01 4.45 -5.16
CA GLN A 101 12.21 5.46 -5.85
C GLN A 101 13.02 6.43 -6.71
N ARG A 102 14.34 6.50 -6.50
CA ARG A 102 15.21 7.26 -7.39
C ARG A 102 15.28 6.66 -8.80
N LEU A 103 14.81 5.42 -8.98
CA LEU A 103 14.63 4.89 -10.33
C LEU A 103 13.70 5.74 -11.17
N PHE A 104 12.74 6.42 -10.53
CA PHE A 104 11.65 7.09 -11.22
C PHE A 104 11.80 8.61 -11.36
N HIS A 105 12.58 9.20 -10.46
CA HIS A 105 12.80 10.65 -10.42
C HIS A 105 14.02 10.90 -9.55
N PRO A 106 14.84 11.93 -9.87
CA PRO A 106 16.04 12.16 -9.05
C PRO A 106 15.81 12.46 -7.57
N GLU A 107 14.68 13.07 -7.24
CA GLU A 107 14.34 13.35 -5.85
C GLU A 107 13.77 12.13 -5.13
N GLY A 108 13.37 11.10 -5.88
CA GLY A 108 12.95 9.81 -5.32
C GLY A 108 12.02 9.94 -4.13
N GLU A 109 12.40 9.26 -3.06
CA GLU A 109 11.56 9.17 -1.86
C GLU A 109 11.26 10.52 -1.21
N LEU A 110 12.19 11.49 -1.33
CA LEU A 110 11.95 12.80 -0.71
C LEU A 110 10.77 13.52 -1.36
N ALA A 111 10.68 13.44 -2.69
CA ALA A 111 9.57 14.04 -3.42
C ALA A 111 8.24 13.43 -3.00
N VAL A 112 8.21 12.10 -2.93
CA VAL A 112 6.97 11.42 -2.58
C VAL A 112 6.58 11.70 -1.13
N ALA A 113 7.55 11.65 -0.22
CA ALA A 113 7.28 11.87 1.18
C ALA A 113 6.78 13.28 1.47
N ARG A 114 7.37 14.26 0.78
CA ARG A 114 6.92 15.65 0.92
C ARG A 114 5.47 15.84 0.48
N ALA A 115 5.13 15.28 -0.68
CA ALA A 115 3.75 15.35 -1.18
C ALA A 115 2.76 14.62 -0.26
N ALA A 116 3.15 13.45 0.22
CA ALA A 116 2.31 12.70 1.15
C ALA A 116 2.09 13.48 2.44
N ARG A 117 3.17 14.03 3.00
CA ARG A 117 3.07 14.90 4.18
C ARG A 117 2.07 16.04 3.95
N ASP A 118 2.22 16.72 2.82
CA ASP A 118 1.38 17.90 2.55
C ASP A 118 -0.08 17.51 2.38
N ALA A 119 -0.33 16.31 1.86
CA ALA A 119 -1.69 15.78 1.66
C ALA A 119 -2.27 15.12 2.90
N GLY A 120 -1.49 14.96 3.97
CA GLY A 120 -1.94 14.31 5.18
C GLY A 120 -2.11 12.80 5.06
N VAL A 121 -1.36 12.18 4.14
CA VAL A 121 -1.41 10.74 3.82
CA VAL A 121 -1.44 10.72 4.02
C VAL A 121 -0.13 10.09 4.40
N PRO A 122 -0.23 8.97 5.15
CA PRO A 122 0.99 8.30 5.57
C PRO A 122 1.83 7.82 4.39
N TYR A 123 3.16 7.90 4.55
CA TYR A 123 4.13 7.44 3.58
C TYR A 123 4.91 6.29 4.19
N THR A 124 5.06 5.19 3.45
CA THR A 124 5.80 4.04 3.95
C THR A 124 7.24 4.07 3.44
N ILE A 125 8.17 4.31 4.37
CA ILE A 125 9.59 4.30 4.05
C ILE A 125 10.06 2.86 3.92
N CYS A 126 10.76 2.55 2.85
CA CYS A 126 11.20 1.18 2.58
C CYS A 126 12.55 0.81 3.17
N THR A 127 12.71 -0.44 3.55
CA THR A 127 14.02 -1.00 3.84
C THR A 127 14.98 -0.75 2.68
N LEU A 128 14.51 -0.91 1.45
CA LEU A 128 15.32 -0.68 0.25
C LEU A 128 15.08 0.72 -0.36
N SER A 129 14.96 1.72 0.51
CA SER A 129 14.86 3.10 0.04
C SER A 129 16.20 3.54 -0.56
N SER A 130 16.10 4.35 -1.60
CA SER A 130 17.29 4.92 -2.26
C SER A 130 17.76 6.24 -1.65
N VAL A 131 17.06 6.70 -0.63
CA VAL A 131 17.48 7.79 0.27
C VAL A 131 17.34 7.22 1.67
N SER A 132 18.22 7.58 2.60
CA SER A 132 18.20 6.96 3.91
C SER A 132 16.89 7.22 4.65
N LEU A 133 16.49 6.25 5.49
CA LEU A 133 15.24 6.37 6.20
C LEU A 133 15.22 7.61 7.10
N GLU A 134 16.38 7.99 7.66
CA GLU A 134 16.42 9.17 8.52
C GLU A 134 16.16 10.46 7.73
N GLU A 135 16.73 10.56 6.54
CA GLU A 135 16.47 11.71 5.66
C GLU A 135 14.99 11.79 5.29
N ILE A 136 14.38 10.64 4.95
CA ILE A 136 12.99 10.67 4.54
C ILE A 136 12.11 11.00 5.74
N ALA A 137 12.43 10.45 6.91
CA ALA A 137 11.66 10.76 8.12
C ALA A 137 11.73 12.25 8.48
N ALA A 138 12.88 12.88 8.20
CA ALA A 138 13.07 14.30 8.50
C ALA A 138 12.16 15.22 7.71
N VAL A 139 11.62 14.73 6.60
CA VAL A 139 10.58 15.44 5.86
C VAL A 139 9.37 15.76 6.73
N GLY A 140 9.10 14.90 7.72
CA GLY A 140 7.95 15.06 8.60
C GLY A 140 6.80 14.18 8.15
N GLY A 141 5.58 14.59 8.45
CA GLY A 141 4.39 13.83 8.05
C GLY A 141 4.17 12.51 8.75
N ARG A 142 4.78 12.27 9.91
CA ARG A 142 4.46 11.04 10.67
C ARG A 142 4.48 9.66 9.85
N PRO A 143 5.60 9.33 9.16
CA PRO A 143 5.91 8.19 8.26
C PRO A 143 5.78 6.79 8.91
N TRP A 144 5.60 5.77 8.07
CA TRP A 144 5.70 4.37 8.50
C TRP A 144 6.99 3.79 7.95
N PHE A 145 7.42 2.63 8.47
CA PHE A 145 8.64 1.99 7.99
C PHE A 145 8.36 0.53 7.64
N GLN A 146 8.72 0.17 6.41
CA GLN A 146 8.56 -1.19 5.91
C GLN A 146 9.84 -1.96 6.16
N LEU A 147 9.70 -3.17 6.73
CA LEU A 147 10.83 -4.03 7.09
C LEU A 147 10.88 -5.25 6.21
N PHE A 148 12.03 -5.52 5.60
CA PHE A 148 12.39 -6.85 5.12
C PHE A 148 13.28 -7.51 6.16
N TRP A 149 13.01 -8.78 6.42
CA TRP A 149 13.82 -9.60 7.32
C TRP A 149 15.15 -9.96 6.63
N LEU A 150 16.24 -9.65 7.31
CA LEU A 150 17.58 -9.88 6.73
C LEU A 150 18.17 -11.17 7.28
N ARG A 151 19.08 -11.79 6.51
CA ARG A 151 19.81 -12.98 6.96
C ARG A 151 20.53 -12.70 8.28
N ASP A 152 21.15 -11.52 8.35
CA ASP A 152 21.65 -10.99 9.61
C ASP A 152 20.47 -10.39 10.39
N GLU A 153 19.93 -11.14 11.36
CA GLU A 153 18.78 -10.69 12.17
C GLU A 153 19.03 -9.34 12.85
N LYS A 154 20.19 -9.19 13.49
CA LYS A 154 20.52 -7.95 14.21
C LYS A 154 20.39 -6.72 13.34
N ARG A 155 20.72 -6.85 12.05
CA ARG A 155 20.54 -5.79 11.07
C ARG A 155 19.06 -5.41 10.96
N SER A 156 18.18 -6.42 10.86
CA SER A 156 16.71 -6.23 10.84
CA SER A 156 16.74 -6.15 10.79
C SER A 156 16.22 -5.42 12.03
N LEU A 157 16.60 -5.87 13.23
CA LEU A 157 16.18 -5.22 14.45
C LEU A 157 16.81 -3.82 14.60
N ASP A 158 18.04 -3.65 14.12
CA ASP A 158 18.64 -2.32 14.08
C ASP A 158 17.86 -1.37 13.17
N LEU A 159 17.37 -1.85 12.03
CA LEU A 159 16.56 -1.02 11.14
C LEU A 159 15.30 -0.60 11.87
N VAL A 160 14.69 -1.53 12.61
CA VAL A 160 13.49 -1.21 13.35
C VAL A 160 13.78 -0.09 14.36
N ARG A 161 14.88 -0.22 15.10
CA ARG A 161 15.23 0.78 16.10
C ARG A 161 15.54 2.13 15.45
N ARG A 162 16.27 2.11 14.33
CA ARG A 162 16.52 3.33 13.55
C ARG A 162 15.22 4.01 13.15
N ALA A 163 14.28 3.21 12.64
CA ALA A 163 13.00 3.74 12.20
C ALA A 163 12.25 4.39 13.36
N GLU A 164 12.20 3.69 14.50
CA GLU A 164 11.53 4.21 15.68
C GLU A 164 12.22 5.48 16.19
N ASP A 165 13.55 5.46 16.26
CA ASP A 165 14.32 6.65 16.69
C ASP A 165 14.06 7.86 15.80
N ALA A 166 13.84 7.61 14.50
CA ALA A 166 13.63 8.68 13.53
C ALA A 166 12.19 9.19 13.47
N GLY A 167 11.28 8.61 14.26
CA GLY A 167 9.91 9.08 14.36
C GLY A 167 8.90 8.33 13.50
N CYS A 168 9.27 7.16 12.95
CA CYS A 168 8.29 6.35 12.22
C CYS A 168 7.27 5.84 13.22
N GLU A 169 6.04 5.70 12.74
N GLU A 169 6.01 5.72 12.79
CA GLU A 169 4.87 5.44 13.59
CA GLU A 169 4.92 5.38 13.72
C GLU A 169 4.35 4.02 13.56
C GLU A 169 4.24 4.04 13.49
N ALA A 170 4.79 3.22 12.60
CA ALA A 170 4.37 1.82 12.46
C ALA A 170 5.45 1.09 11.73
N ILE A 171 5.57 -0.21 12.03
CA ILE A 171 6.48 -1.09 11.33
C ILE A 171 5.63 -1.98 10.43
N VAL A 172 5.81 -1.83 9.12
CA VAL A 172 5.09 -2.61 8.13
C VAL A 172 6.03 -3.75 7.75
N PHE A 173 5.82 -4.90 8.38
CA PHE A 173 6.70 -6.07 8.18
C PHE A 173 6.17 -6.83 6.97
N THR A 174 6.95 -6.87 5.89
CA THR A 174 6.53 -7.57 4.68
C THR A 174 6.76 -9.06 4.89
N VAL A 175 5.67 -9.83 4.79
CA VAL A 175 5.71 -11.26 5.15
C VAL A 175 5.57 -12.17 3.95
N ASP A 176 5.50 -11.63 2.73
CA ASP A 176 5.26 -12.45 1.54
C ASP A 176 6.45 -12.52 0.59
N VAL A 177 7.63 -12.16 1.11
CA VAL A 177 8.87 -12.16 0.35
C VAL A 177 9.94 -12.97 1.10
N PRO A 178 9.73 -14.31 1.21
CA PRO A 178 10.89 -15.11 1.66
C PRO A 178 12.06 -14.99 0.70
N TRP A 179 11.75 -14.78 -0.58
CA TRP A 179 12.66 -14.36 -1.60
C TRP A 179 11.81 -13.66 -2.67
N MET A 180 12.46 -13.01 -3.62
CA MET A 180 11.78 -12.30 -4.68
C MET A 180 11.15 -13.26 -5.69
N GLY A 181 9.93 -12.94 -6.13
CA GLY A 181 9.29 -13.69 -7.19
C GLY A 181 10.03 -13.63 -8.51
N ARG A 182 9.58 -14.44 -9.46
N ARG A 182 9.59 -14.45 -9.45
CA ARG A 182 10.19 -14.54 -10.79
CA ARG A 182 10.24 -14.56 -10.76
C ARG A 182 9.63 -13.44 -11.69
C ARG A 182 9.59 -13.55 -11.69
N ARG A 183 10.40 -12.38 -11.85
N ARG A 183 10.21 -12.38 -11.78
CA ARG A 183 9.97 -11.21 -12.61
CA ARG A 183 9.70 -11.29 -12.61
C ARG A 183 10.41 -11.36 -14.07
C ARG A 183 10.34 -11.39 -14.00
N LEU A 184 9.56 -11.94 -14.93
CA LEU A 184 10.04 -12.30 -16.26
C LEU A 184 10.38 -11.10 -17.13
N ARG A 185 9.71 -9.97 -16.92
CA ARG A 185 10.08 -8.75 -17.64
C ARG A 185 11.51 -8.34 -17.29
N ASP A 186 11.84 -8.41 -16.01
CA ASP A 186 13.18 -8.02 -15.54
C ASP A 186 14.25 -8.98 -16.05
N MET A 187 13.93 -10.28 -16.05
CA MET A 187 14.83 -11.29 -16.59
C MET A 187 15.08 -11.08 -18.08
N ARG A 188 14.02 -10.87 -18.84
CA ARG A 188 14.13 -10.65 -20.28
C ARG A 188 14.84 -9.34 -20.63
N ASN A 189 14.60 -8.29 -19.85
CA ASN A 189 15.29 -7.01 -20.04
C ASN A 189 16.73 -7.01 -19.53
N GLY A 190 17.09 -8.01 -18.72
CA GLY A 190 18.39 -8.03 -18.03
C GLY A 190 18.50 -6.88 -17.04
N PHE A 191 17.40 -6.59 -16.36
CA PHE A 191 17.30 -5.40 -15.53
C PHE A 191 18.24 -5.46 -14.33
N ALA A 192 18.95 -4.36 -14.09
CA ALA A 192 19.76 -4.17 -12.90
C ALA A 192 19.66 -2.71 -12.51
N LEU A 193 19.90 -2.42 -11.22
CA LEU A 193 19.87 -1.04 -10.74
C LEU A 193 20.97 -0.23 -11.43
N PRO A 194 20.68 1.03 -11.80
CA PRO A 194 21.77 1.90 -12.24
C PRO A 194 22.78 2.13 -11.11
N GLU A 195 24.01 2.50 -11.46
CA GLU A 195 25.05 2.73 -10.44
C GLU A 195 24.67 3.85 -9.46
N TRP A 196 23.86 4.80 -9.92
CA TRP A 196 23.43 5.94 -9.10
C TRP A 196 22.19 5.68 -8.21
N VAL A 197 21.65 4.46 -8.25
CA VAL A 197 20.57 4.05 -7.34
C VAL A 197 21.11 2.96 -6.42
N THR A 198 21.09 3.20 -5.12
CA THR A 198 21.58 2.24 -4.14
C THR A 198 20.57 2.07 -3.01
N ALA A 199 20.75 1.01 -2.23
CA ALA A 199 20.03 0.80 -0.98
C ALA A 199 20.68 1.64 0.10
N ALA A 200 20.15 2.85 0.28
CA ALA A 200 20.78 3.86 1.13
C ALA A 200 20.79 3.57 2.62
N ASN A 201 19.97 2.62 3.08
CA ASN A 201 19.98 2.22 4.49
C ASN A 201 21.10 1.29 4.88
N PHE A 202 21.87 0.80 3.90
CA PHE A 202 22.97 -0.15 4.10
C PHE A 202 24.31 0.45 3.68
N ASP A 203 25.39 -0.05 4.28
CA ASP A 203 26.76 0.39 3.97
C ASP A 203 27.44 -0.59 3.01
N GLU A 225 20.43 -11.61 0.16
CA GLU A 225 20.62 -11.07 1.51
C GLU A 225 19.35 -11.14 2.39
N PHE A 226 18.24 -11.58 1.80
CA PHE A 226 16.97 -11.74 2.53
C PHE A 226 16.93 -13.11 3.18
N ALA A 227 16.49 -13.17 4.44
CA ALA A 227 16.12 -14.45 5.06
C ALA A 227 14.61 -14.54 5.10
N PRO A 228 14.06 -15.74 4.90
CA PRO A 228 12.63 -15.90 5.07
C PRO A 228 12.19 -15.56 6.51
N ALA A 229 11.21 -14.69 6.63
CA ALA A 229 10.63 -14.34 7.93
C ALA A 229 9.69 -15.46 8.37
N THR A 230 9.61 -15.66 9.68
CA THR A 230 8.68 -16.60 10.29
C THR A 230 7.90 -15.90 11.41
N TRP A 231 6.95 -16.62 12.01
CA TRP A 231 6.25 -16.11 13.19
C TRP A 231 7.20 -15.75 14.34
N GLU A 232 8.32 -16.46 14.45
CA GLU A 232 9.34 -16.10 15.42
CA GLU A 232 9.37 -16.13 15.40
C GLU A 232 9.94 -14.73 15.14
N SER A 233 10.15 -14.40 13.86
CA SER A 233 10.65 -13.09 13.46
C SER A 233 9.66 -11.99 13.87
N VAL A 234 8.38 -12.25 13.63
CA VAL A 234 7.33 -11.31 14.03
C VAL A 234 7.39 -11.03 15.53
N GLU A 235 7.54 -12.09 16.32
CA GLU A 235 7.64 -11.93 17.77
C GLU A 235 8.89 -11.13 18.16
N ALA A 236 10.01 -11.37 17.48
CA ALA A 236 11.25 -10.62 17.77
C ALA A 236 11.06 -9.13 17.49
N VAL A 237 10.35 -8.80 16.41
CA VAL A 237 10.07 -7.40 16.12
C VAL A 237 9.12 -6.81 17.14
N ARG A 238 8.03 -7.52 17.46
CA ARG A 238 7.04 -7.05 18.44
C ARG A 238 7.67 -6.80 19.81
N ALA A 239 8.61 -7.64 20.21
CA ALA A 239 9.35 -7.46 21.48
C ALA A 239 10.36 -6.31 21.46
N HIS A 240 10.80 -5.88 20.28
CA HIS A 240 11.86 -4.87 20.12
C HIS A 240 11.31 -3.44 19.91
N THR A 241 9.99 -3.27 19.82
CA THR A 241 9.40 -1.95 19.55
C THR A 241 8.08 -1.76 20.27
N ASP A 242 7.80 -0.51 20.60
CA ASP A 242 6.49 -0.11 21.08
C ASP A 242 5.54 0.27 19.93
N LEU A 243 6.05 0.34 18.71
CA LEU A 243 5.24 0.73 17.57
C LEU A 243 4.30 -0.41 17.15
N PRO A 244 3.15 -0.04 16.57
CA PRO A 244 2.31 -1.09 15.97
C PRO A 244 3.02 -1.82 14.84
N VAL A 245 2.92 -3.15 14.86
CA VAL A 245 3.49 -3.98 13.83
C VAL A 245 2.36 -4.40 12.90
N VAL A 246 2.58 -4.17 11.61
CA VAL A 246 1.56 -4.41 10.58
C VAL A 246 2.14 -5.46 9.63
N LEU A 247 1.46 -6.60 9.48
CA LEU A 247 1.96 -7.66 8.62
C LEU A 247 1.41 -7.49 7.22
N LYS A 248 2.30 -7.24 6.25
CA LYS A 248 1.90 -6.95 4.88
C LYS A 248 2.11 -8.19 4.01
N GLY A 249 1.05 -8.62 3.34
CA GLY A 249 1.08 -9.80 2.48
C GLY A 249 0.29 -10.98 3.01
N ILE A 250 -0.70 -10.73 3.87
CA ILE A 250 -1.56 -11.79 4.42
C ILE A 250 -2.69 -12.05 3.43
N LEU A 251 -2.93 -13.32 3.11
CA LEU A 251 -4.09 -13.72 2.28
C LEU A 251 -4.97 -14.80 2.88
N ALA A 252 -4.39 -15.69 3.68
CA ALA A 252 -5.17 -16.78 4.29
C ALA A 252 -5.88 -16.27 5.53
N VAL A 253 -7.14 -16.68 5.69
CA VAL A 253 -7.92 -16.25 6.84
C VAL A 253 -7.23 -16.64 8.16
N GLU A 254 -6.69 -17.86 8.25
N GLU A 254 -6.69 -17.86 8.17
CA GLU A 254 -6.05 -18.25 9.52
CA GLU A 254 -6.00 -18.41 9.32
C GLU A 254 -4.73 -17.51 9.76
C GLU A 254 -4.76 -17.58 9.69
N ASP A 255 -4.07 -17.05 8.69
CA ASP A 255 -2.90 -16.17 8.91
C ASP A 255 -3.33 -14.80 9.45
N ALA A 256 -4.49 -14.29 9.02
CA ALA A 256 -5.03 -13.05 9.60
C ALA A 256 -5.35 -13.24 11.08
N ARG A 257 -6.02 -14.36 11.40
CA ARG A 257 -6.31 -14.65 12.81
C ARG A 257 -5.05 -14.77 13.62
N ARG A 258 -4.07 -15.51 13.09
CA ARG A 258 -2.82 -15.67 13.80
C ARG A 258 -2.09 -14.34 13.98
N ALA A 259 -2.19 -13.45 12.99
CA ALA A 259 -1.59 -12.12 13.11
C ALA A 259 -2.15 -11.37 14.32
N VAL A 260 -3.45 -11.46 14.52
CA VAL A 260 -4.06 -10.81 15.68
C VAL A 260 -3.55 -11.47 16.97
N ASP A 261 -3.53 -12.79 16.99
CA ASP A 261 -3.03 -13.54 18.17
C ASP A 261 -1.58 -13.22 18.47
N ALA A 262 -0.78 -12.96 17.43
CA ALA A 262 0.62 -12.60 17.56
C ALA A 262 0.86 -11.16 18.01
N GLY A 263 -0.20 -10.37 18.15
CA GLY A 263 -0.07 -8.99 18.63
C GLY A 263 0.12 -7.95 17.54
N ALA A 264 -0.16 -8.32 16.29
CA ALA A 264 -0.12 -7.32 15.21
C ALA A 264 -1.18 -6.26 15.43
N GLY A 265 -0.80 -5.01 15.18
CA GLY A 265 -1.74 -3.89 15.18
C GLY A 265 -2.50 -3.75 13.88
N GLY A 266 -2.00 -4.39 12.83
CA GLY A 266 -2.68 -4.40 11.55
C GLY A 266 -2.14 -5.45 10.63
N ILE A 267 -2.86 -5.65 9.54
CA ILE A 267 -2.41 -6.46 8.42
C ILE A 267 -2.72 -5.73 7.13
N VAL A 268 -1.97 -6.05 6.08
CA VAL A 268 -2.31 -5.62 4.74
C VAL A 268 -2.60 -6.89 3.94
N VAL A 269 -3.85 -6.99 3.53
CA VAL A 269 -4.32 -8.12 2.73
C VAL A 269 -3.88 -7.83 1.30
N SER A 270 -3.02 -8.67 0.75
CA SER A 270 -2.20 -8.28 -0.38
C SER A 270 -1.55 -9.47 -1.04
N ASN A 271 -1.46 -9.46 -2.36
CA ASN A 271 -0.62 -10.40 -3.10
C ASN A 271 0.62 -9.72 -3.67
N HIS A 272 1.02 -8.61 -3.04
CA HIS A 272 2.23 -7.87 -3.42
C HIS A 272 2.13 -7.36 -4.84
N GLY A 273 0.96 -6.88 -5.24
CA GLY A 273 0.80 -6.33 -6.58
C GLY A 273 1.04 -7.31 -7.68
N GLY A 274 0.82 -8.61 -7.41
CA GLY A 274 1.04 -9.65 -8.38
C GLY A 274 2.50 -9.91 -8.69
N ARG A 275 3.39 -9.51 -7.80
CA ARG A 275 4.84 -9.60 -7.99
C ARG A 275 5.49 -10.79 -7.32
N GLN A 276 4.75 -11.51 -6.48
CA GLN A 276 5.31 -12.60 -5.71
C GLN A 276 4.79 -13.94 -6.23
N LEU A 277 3.83 -14.60 -5.56
CA LEU A 277 3.30 -15.86 -6.13
C LEU A 277 2.38 -15.54 -7.29
N ASP A 278 2.71 -16.00 -8.50
CA ASP A 278 1.85 -15.89 -9.65
C ASP A 278 0.76 -16.93 -9.51
N GLY A 279 -0.48 -16.48 -9.43
CA GLY A 279 -1.60 -17.34 -9.09
C GLY A 279 -2.11 -17.11 -7.68
N ALA A 280 -1.45 -16.29 -6.88
CA ALA A 280 -2.02 -15.86 -5.60
C ALA A 280 -3.31 -15.09 -5.80
N VAL A 281 -4.31 -15.45 -5.02
CA VAL A 281 -5.59 -14.75 -4.98
C VAL A 281 -5.39 -13.24 -4.73
N PRO A 282 -6.21 -12.39 -5.38
CA PRO A 282 -6.16 -10.97 -5.02
C PRO A 282 -6.60 -10.72 -3.59
N GLY A 283 -5.94 -9.79 -2.91
CA GLY A 283 -6.34 -9.40 -1.59
C GLY A 283 -7.78 -8.99 -1.48
N ILE A 284 -8.28 -8.25 -2.48
CA ILE A 284 -9.67 -7.79 -2.46
CA ILE A 284 -9.68 -7.80 -2.50
C ILE A 284 -10.66 -8.97 -2.39
N GLU A 285 -10.28 -10.13 -2.93
N GLU A 285 -10.30 -10.13 -2.94
CA GLU A 285 -11.16 -11.32 -2.87
CA GLU A 285 -11.17 -11.31 -2.89
C GLU A 285 -11.17 -12.01 -1.51
C GLU A 285 -11.16 -12.04 -1.54
N MET A 286 -10.14 -11.80 -0.71
CA MET A 286 -10.07 -12.36 0.65
C MET A 286 -10.51 -11.39 1.74
N LEU A 287 -10.63 -10.12 1.37
CA LEU A 287 -10.80 -9.05 2.35
C LEU A 287 -12.03 -9.23 3.24
N GLY A 288 -13.19 -9.48 2.65
CA GLY A 288 -14.41 -9.57 3.44
C GLY A 288 -14.33 -10.71 4.47
N GLU A 289 -13.85 -11.86 4.02
CA GLU A 289 -13.72 -13.00 4.90
CA GLU A 289 -13.69 -13.04 4.87
C GLU A 289 -12.74 -12.72 6.03
N ILE A 290 -11.63 -12.05 5.71
CA ILE A 290 -10.63 -11.69 6.70
C ILE A 290 -11.17 -10.67 7.71
N VAL A 291 -11.90 -9.68 7.23
CA VAL A 291 -12.49 -8.68 8.12
C VAL A 291 -13.43 -9.35 9.14
N ALA A 292 -14.26 -10.27 8.65
CA ALA A 292 -15.16 -11.00 9.54
C ALA A 292 -14.40 -11.83 10.57
N ALA A 293 -13.33 -12.50 10.13
CA ALA A 293 -12.56 -13.38 11.02
C ALA A 293 -11.79 -12.63 12.11
N VAL A 294 -11.23 -11.46 11.79
N VAL A 294 -11.40 -11.41 11.76
CA VAL A 294 -10.41 -10.76 12.81
CA VAL A 294 -10.69 -10.52 12.64
C VAL A 294 -11.26 -10.02 13.81
C VAL A 294 -11.62 -9.87 13.70
N SER A 295 -12.48 -9.70 13.36
N SER A 295 -12.92 -9.67 13.43
CA SER A 295 -13.58 -9.11 14.15
CA SER A 295 -13.80 -9.13 14.48
C SER A 295 -13.15 -7.96 15.06
C SER A 295 -13.15 -7.91 15.17
N GLY A 296 -12.55 -6.98 14.41
CA GLY A 296 -12.04 -5.76 15.00
C GLY A 296 -10.74 -5.88 15.77
N GLY A 297 -10.08 -7.04 15.73
CA GLY A 297 -8.89 -7.26 16.51
C GLY A 297 -7.64 -6.55 16.04
N CYS A 298 -7.63 -6.10 14.78
CA CYS A 298 -6.54 -5.28 14.26
C CYS A 298 -7.09 -4.50 13.06
N GLU A 299 -6.32 -3.52 12.62
CA GLU A 299 -6.65 -2.80 11.40
C GLU A 299 -6.45 -3.74 10.23
N VAL A 300 -7.35 -3.68 9.25
CA VAL A 300 -7.23 -4.52 8.06
C VAL A 300 -7.16 -3.62 6.85
N LEU A 301 -5.96 -3.50 6.28
CA LEU A 301 -5.74 -2.76 5.06
C LEU A 301 -5.74 -3.72 3.88
N VAL A 302 -5.87 -3.17 2.68
CA VAL A 302 -5.79 -3.95 1.47
C VAL A 302 -5.02 -3.17 0.44
N ASP A 303 -4.38 -3.86 -0.49
CA ASP A 303 -3.80 -3.20 -1.65
C ASP A 303 -3.88 -4.08 -2.88
N GLY A 304 -3.42 -3.54 -4.00
CA GLY A 304 -3.43 -4.23 -5.26
C GLY A 304 -4.47 -3.65 -6.19
N GLY A 305 -4.04 -2.87 -7.17
CA GLY A 305 -4.94 -2.38 -8.18
C GLY A 305 -5.87 -1.24 -7.83
N ILE A 306 -5.65 -0.55 -6.69
CA ILE A 306 -6.48 0.61 -6.38
C ILE A 306 -6.11 1.73 -7.37
N ARG A 307 -7.07 2.14 -8.20
CA ARG A 307 -6.79 3.11 -9.29
C ARG A 307 -7.75 4.28 -9.31
N SER A 308 -8.55 4.44 -8.26
CA SER A 308 -9.52 5.54 -8.19
C SER A 308 -10.12 5.64 -6.81
N GLY A 309 -10.77 6.76 -6.54
CA GLY A 309 -11.55 6.90 -5.33
C GLY A 309 -12.69 5.92 -5.25
N GLY A 310 -13.27 5.56 -6.40
CA GLY A 310 -14.27 4.52 -6.43
C GLY A 310 -13.74 3.18 -5.96
N ASP A 311 -12.51 2.86 -6.33
CA ASP A 311 -11.87 1.64 -5.85
C ASP A 311 -11.64 1.70 -4.35
N VAL A 312 -11.25 2.87 -3.84
CA VAL A 312 -11.12 3.06 -2.39
C VAL A 312 -12.46 2.79 -1.72
N LEU A 313 -13.53 3.31 -2.30
CA LEU A 313 -14.86 3.08 -1.75
C LEU A 313 -15.19 1.59 -1.74
N LYS A 314 -14.90 0.90 -2.83
CA LYS A 314 -15.15 -0.55 -2.87
C LYS A 314 -14.39 -1.26 -1.76
N ALA A 315 -13.12 -0.94 -1.59
CA ALA A 315 -12.30 -1.56 -0.55
C ALA A 315 -12.89 -1.31 0.82
N THR A 316 -13.32 -0.06 1.08
CA THR A 316 -13.91 0.31 2.34
CA THR A 316 -13.90 0.24 2.40
C THR A 316 -15.23 -0.47 2.58
N ALA A 317 -16.05 -0.55 1.53
CA ALA A 317 -17.33 -1.26 1.60
C ALA A 317 -17.15 -2.74 1.88
N LEU A 318 -16.03 -3.31 1.41
CA LEU A 318 -15.68 -4.70 1.73
C LEU A 318 -15.08 -4.86 3.13
N GLY A 319 -14.81 -3.77 3.82
CA GLY A 319 -14.42 -3.78 5.22
C GLY A 319 -13.04 -3.25 5.54
N ALA A 320 -12.28 -2.81 4.53
CA ALA A 320 -10.93 -2.30 4.78
C ALA A 320 -10.96 -1.05 5.65
N SER A 321 -9.97 -0.96 6.54
CA SER A 321 -9.69 0.23 7.32
C SER A 321 -9.10 1.34 6.44
N ALA A 322 -8.30 0.92 5.45
CA ALA A 322 -7.58 1.81 4.57
C ALA A 322 -6.97 0.98 3.46
N VAL A 323 -6.52 1.64 2.40
CA VAL A 323 -5.83 0.99 1.30
C VAL A 323 -4.39 1.47 1.22
N LEU A 324 -3.54 0.70 0.55
CA LEU A 324 -2.27 1.22 0.04
C LEU A 324 -2.37 1.40 -1.44
N VAL A 325 -1.64 2.39 -1.96
CA VAL A 325 -1.53 2.64 -3.38
C VAL A 325 -0.06 2.64 -3.75
N GLY A 326 0.33 1.82 -4.72
CA GLY A 326 1.73 1.68 -5.11
C GLY A 326 2.04 2.31 -6.44
N ARG A 327 1.82 1.55 -7.52
CA ARG A 327 2.25 2.01 -8.84
C ARG A 327 1.80 3.42 -9.22
N PRO A 328 0.54 3.80 -8.94
CA PRO A 328 0.13 5.15 -9.37
C PRO A 328 0.94 6.28 -8.75
N VAL A 329 1.41 6.08 -7.53
CA VAL A 329 2.23 7.10 -6.87
C VAL A 329 3.54 7.24 -7.64
N MET A 330 4.10 6.13 -8.11
CA MET A 330 5.31 6.17 -8.90
C MET A 330 5.09 6.74 -10.29
N TRP A 331 3.91 6.53 -10.89
CA TRP A 331 3.59 7.18 -12.17
C TRP A 331 3.66 8.68 -12.01
N ALA A 332 3.06 9.17 -10.93
CA ALA A 332 3.00 10.61 -10.66
C ALA A 332 4.40 11.18 -10.42
N LEU A 333 5.19 10.46 -9.63
CA LEU A 333 6.60 10.81 -9.37
C LEU A 333 7.41 10.90 -10.67
N ALA A 334 7.28 9.90 -11.52
CA ALA A 334 7.98 9.87 -12.81
C ALA A 334 7.55 11.02 -13.71
N ALA A 335 6.25 11.27 -13.75
CA ALA A 335 5.67 12.28 -14.63
C ALA A 335 6.05 13.69 -14.26
N ALA A 336 6.03 14.01 -12.97
CA ALA A 336 6.19 15.39 -12.54
C ALA A 336 6.73 15.60 -11.12
N GLY A 337 7.47 14.63 -10.60
CA GLY A 337 8.12 14.77 -9.31
C GLY A 337 7.17 15.02 -8.16
N GLN A 338 7.59 15.83 -7.20
CA GLN A 338 6.77 16.15 -6.05
C GLN A 338 5.41 16.71 -6.44
N ASP A 339 5.39 17.64 -7.40
CA ASP A 339 4.15 18.27 -7.86
CA ASP A 339 4.14 18.26 -7.80
C ASP A 339 3.21 17.24 -8.46
N GLY A 340 3.78 16.26 -9.18
CA GLY A 340 2.99 15.17 -9.74
C GLY A 340 2.31 14.37 -8.65
N VAL A 341 3.06 14.00 -7.63
CA VAL A 341 2.49 13.24 -6.52
C VAL A 341 1.41 14.07 -5.82
N ARG A 342 1.67 15.36 -5.60
CA ARG A 342 0.66 16.25 -5.04
C ARG A 342 -0.63 16.20 -5.86
N GLN A 343 -0.50 16.31 -7.17
CA GLN A 343 -1.68 16.32 -8.04
C GLN A 343 -2.41 14.98 -7.97
N LEU A 344 -1.66 13.88 -7.96
CA LEU A 344 -2.27 12.56 -7.81
C LEU A 344 -3.08 12.47 -6.54
N LEU A 345 -2.51 12.90 -5.41
CA LEU A 345 -3.19 12.80 -4.12
C LEU A 345 -4.39 13.73 -4.03
N GLU A 346 -4.30 14.89 -4.65
CA GLU A 346 -5.45 15.79 -4.74
C GLU A 346 -6.58 15.18 -5.55
N LEU A 347 -6.22 14.53 -6.65
CA LEU A 347 -7.21 13.85 -7.50
C LEU A 347 -7.87 12.70 -6.73
N LEU A 348 -7.05 11.87 -6.10
CA LEU A 348 -7.58 10.77 -5.29
C LEU A 348 -8.48 11.29 -4.18
N ALA A 349 -8.06 12.35 -3.50
CA ALA A 349 -8.89 12.94 -2.45
C ALA A 349 -10.24 13.38 -2.99
N GLU A 350 -10.25 14.02 -4.15
CA GLU A 350 -11.50 14.45 -4.74
C GLU A 350 -12.37 13.27 -5.14
N GLU A 351 -11.76 12.24 -5.72
CA GLU A 351 -12.51 11.07 -6.14
C GLU A 351 -13.09 10.33 -4.93
N VAL A 352 -12.34 10.26 -3.84
CA VAL A 352 -12.84 9.58 -2.63
C VAL A 352 -14.03 10.35 -2.04
N ARG A 353 -13.89 11.67 -1.92
CA ARG A 353 -14.99 12.50 -1.41
C ARG A 353 -16.22 12.36 -2.30
N ASP A 354 -16.02 12.43 -3.61
CA ASP A 354 -17.10 12.30 -4.59
C ASP A 354 -17.81 10.95 -4.42
N ALA A 355 -17.03 9.87 -4.42
CA ALA A 355 -17.62 8.53 -4.32
C ALA A 355 -18.37 8.34 -3.01
N MET A 356 -17.77 8.77 -1.91
CA MET A 356 -18.42 8.64 -0.61
C MET A 356 -19.75 9.36 -0.56
N GLY A 357 -19.79 10.60 -1.03
CA GLY A 357 -21.01 11.38 -0.96
C GLY A 357 -22.09 10.85 -1.88
N LEU A 358 -21.70 10.47 -3.09
CA LEU A 358 -22.65 9.88 -4.02
C LEU A 358 -23.22 8.58 -3.46
N ALA A 359 -22.44 7.87 -2.64
CA ALA A 359 -22.89 6.66 -1.96
C ALA A 359 -23.57 6.89 -0.60
N GLY A 360 -23.80 8.16 -0.23
CA GLY A 360 -24.49 8.50 0.99
C GLY A 360 -23.68 8.37 2.26
N CYS A 361 -22.38 8.51 2.15
CA CYS A 361 -21.49 8.29 3.29
C CYS A 361 -20.79 9.58 3.70
N GLU A 362 -21.12 10.05 4.90
CA GLU A 362 -20.54 11.27 5.46
C GLU A 362 -19.20 10.96 6.15
N SER A 363 -18.90 9.68 6.37
CA SER A 363 -17.66 9.26 7.00
C SER A 363 -17.21 7.93 6.43
N VAL A 364 -15.94 7.61 6.65
CA VAL A 364 -15.39 6.33 6.22
C VAL A 364 -16.11 5.18 6.96
N GLY A 365 -16.45 5.36 8.22
CA GLY A 365 -17.20 4.33 8.94
C GLY A 365 -18.51 3.98 8.24
N ALA A 366 -19.23 5.00 7.73
CA ALA A 366 -20.46 4.75 6.99
C ALA A 366 -20.17 3.99 5.71
N ALA A 367 -19.08 4.32 5.02
CA ALA A 367 -18.69 3.59 3.84
C ALA A 367 -18.41 2.12 4.12
N ARG A 368 -17.85 1.81 5.28
CA ARG A 368 -17.61 0.41 5.66
C ARG A 368 -18.91 -0.37 5.82
N ARG A 369 -20.02 0.32 6.10
CA ARG A 369 -21.32 -0.32 6.24
C ARG A 369 -22.10 -0.45 4.93
N LEU A 370 -21.55 0.04 3.82
CA LEU A 370 -22.17 -0.18 2.53
C LEU A 370 -22.12 -1.64 2.15
N ASN A 371 -23.15 -2.06 1.43
CA ASN A 371 -23.17 -3.38 0.82
C ASN A 371 -22.66 -3.33 -0.62
N THR A 372 -22.25 -4.49 -1.11
CA THR A 372 -21.73 -4.65 -2.45
C THR A 372 -22.42 -5.83 -3.12
N LYS A 373 -22.24 -5.90 -4.44
CA LYS A 373 -22.80 -6.99 -5.25
CA LYS A 373 -22.80 -6.98 -5.24
C LYS A 373 -21.82 -7.28 -6.35
N LEU A 374 -21.50 -8.56 -6.57
CA LEU A 374 -20.64 -8.93 -7.68
C LEU A 374 -21.40 -8.88 -9.00
N GLY A 375 -20.73 -8.37 -10.03
CA GLY A 375 -21.26 -8.32 -11.39
C GLY A 375 -20.31 -9.06 -12.30
N VAL A 376 -20.35 -8.72 -13.58
CA VAL A 376 -19.49 -9.37 -14.59
C VAL A 376 -18.74 -8.35 -15.43
N VAL A 377 -17.51 -8.73 -15.79
CA VAL A 377 -16.53 -7.90 -16.51
C VAL A 377 -16.54 -6.40 -16.14
N1 FMN B . 6.29 -4.04 -1.11
C2 FMN B . 7.06 -4.18 -0.02
O2 FMN B . 6.55 -4.63 1.02
N3 FMN B . 8.35 -3.80 -0.04
C4 FMN B . 8.96 -3.31 -1.12
O4 FMN B . 10.19 -2.97 -1.12
C4A FMN B . 8.19 -3.13 -2.34
N5 FMN B . 8.71 -2.65 -3.48
C5A FMN B . 7.94 -2.51 -4.59
C6 FMN B . 8.48 -2.01 -5.76
C7 FMN B . 7.69 -1.81 -6.89
C7M FMN B . 8.28 -1.25 -8.15
C8 FMN B . 6.28 -2.18 -6.85
C8M FMN B . 5.41 -2.00 -8.07
C9 FMN B . 5.74 -2.69 -5.69
C9A FMN B . 6.51 -2.89 -4.56
N10 FMN B . 5.98 -3.41 -3.36
C10 FMN B . 6.78 -3.55 -2.26
C1' FMN B . 4.58 -3.82 -3.28
C2' FMN B . 3.69 -2.63 -2.96
O2' FMN B . 3.90 -2.22 -1.63
C3' FMN B . 2.22 -2.95 -3.09
O3' FMN B . 1.88 -4.16 -2.39
C4' FMN B . 1.73 -3.06 -4.51
O4' FMN B . 2.49 -2.18 -5.39
C5' FMN B . 0.28 -2.62 -4.46
O5' FMN B . -0.29 -2.73 -5.68
P FMN B . -0.46 -1.46 -6.66
O1P FMN B . 0.91 -1.18 -7.22
O2P FMN B . -1.35 -2.18 -7.65
O3P FMN B . -1.11 -0.27 -6.03
O12 HHH C . 10.28 -5.33 -6.17
C10 HHH C . 9.60 -5.65 -5.15
O11 HHH C . 8.43 -6.12 -5.31
C7 HHH C . 10.17 -5.51 -3.75
O8 HHH C . 9.18 -5.90 -2.84
C1 HHH C . 11.38 -6.38 -3.53
C2 HHH C . 11.22 -7.74 -3.24
C3 HHH C . 12.33 -8.54 -3.02
C6 HHH C . 12.67 -5.84 -3.56
C5 HHH C . 13.78 -6.66 -3.33
C4 HHH C . 13.60 -8.01 -3.04
O1 HHH C . 14.71 -8.86 -2.83
O12 HHH D . -17.75 -12.03 -2.41
C10 HHH D . -16.75 -12.78 -2.54
O11 HHH D . -16.92 -14.03 -2.68
C7 HHH D . -15.35 -12.21 -2.53
O8 HHH D . -14.47 -13.27 -2.40
C1 HHH D . -15.04 -11.48 -3.82
C2 HHH D . -15.15 -12.17 -5.02
C3 HHH D . -14.86 -11.51 -6.21
C6 HHH D . -14.62 -10.14 -3.80
C5 HHH D . -14.31 -9.49 -4.99
C4 HHH D . -14.43 -10.18 -6.19
O1 HHH D . -14.16 -9.55 -7.41
#